data_3RH8
#
_entry.id   3RH8
#
_cell.length_a   37.647
_cell.length_b   77.473
_cell.length_c   54.696
_cell.angle_alpha   90.000
_cell.angle_beta   99.770
_cell.angle_gamma   90.000
#
_symmetry.space_group_name_H-M   'P 1 21 1'
#
loop_
_entity.id
_entity.type
_entity.pdbx_description
1 polymer 'Vivid PAS protein VVD'
2 non-polymer 'FLAVIN-ADENINE DINUCLEOTIDE'
3 water water
#
_entity_poly.entity_id   1
_entity_poly.type   'polypeptide(L)'
_entity_poly.pdbx_seq_one_letter_code
;HTLYAPGGYDIMGYLIQIMNRPNPQVELGPVDTSCALILCDLKQKDTPIVYASEAFLYMTGYSNAEVLGRNCRFLQSPDG
MVKPKSTRKYVDSNTINTIRKAIDRNAEVQVEVVNFKKNGQRFVNFLTIIPVRDETGEYRYSMGFQCE
;
_entity_poly.pdbx_strand_id   B,D
#
loop_
_chem_comp.id
_chem_comp.type
_chem_comp.name
_chem_comp.formula
FAD non-polymer 'FLAVIN-ADENINE DINUCLEOTIDE' 'C27 H33 N9 O15 P2'
#
# COMPACT_ATOMS: atom_id res chain seq x y z
N HIS A 1 10.28 14.70 -4.56
CA HIS A 1 10.52 13.97 -3.27
C HIS A 1 9.99 12.55 -3.38
N THR A 2 10.37 11.70 -2.43
CA THR A 2 9.92 10.31 -2.41
C THR A 2 9.55 9.90 -0.98
N LEU A 3 8.91 10.84 -0.27
CA LEU A 3 8.48 10.65 1.11
C LEU A 3 7.43 9.57 1.35
N TYR A 4 6.60 9.29 0.35
CA TYR A 4 5.57 8.27 0.48
C TYR A 4 5.98 6.89 -0.03
N ALA A 5 7.25 6.72 -0.38
CA ALA A 5 7.76 5.43 -0.86
C ALA A 5 9.16 5.18 -0.31
N PRO A 6 9.31 5.18 1.02
CA PRO A 6 10.62 4.94 1.63
C PRO A 6 11.15 3.55 1.29
N GLY A 7 10.26 2.69 0.82
CA GLY A 7 10.69 1.37 0.44
C GLY A 7 11.58 1.48 -0.76
N GLY A 8 11.33 2.52 -1.56
CA GLY A 8 12.11 2.77 -2.77
C GLY A 8 11.40 2.51 -4.08
N TYR A 9 10.23 1.91 -4.03
CA TYR A 9 9.47 1.60 -5.22
C TYR A 9 8.03 2.12 -5.19
N ASP A 10 7.56 2.63 -6.32
CA ASP A 10 6.20 3.13 -6.40
C ASP A 10 5.27 1.94 -6.55
N ILE A 11 5.05 1.22 -5.44
CA ILE A 11 4.17 0.07 -5.44
C ILE A 11 2.74 0.41 -5.89
N MET A 12 2.28 1.61 -5.55
CA MET A 12 0.94 2.04 -5.95
C MET A 12 0.87 2.03 -7.47
N GLY A 13 1.93 2.55 -8.09
CA GLY A 13 1.99 2.62 -9.53
C GLY A 13 2.01 1.29 -10.25
N TYR A 14 2.76 0.33 -9.75
CA TYR A 14 2.79 -0.96 -10.41
C TYR A 14 1.46 -1.70 -10.27
N LEU A 15 0.77 -1.50 -9.15
CA LEU A 15 -0.53 -2.12 -8.90
C LEU A 15 -1.55 -1.54 -9.87
N ILE A 16 -1.46 -0.23 -10.11
CA ILE A 16 -2.36 0.43 -11.05
C ILE A 16 -2.11 -0.15 -12.44
N GLN A 17 -0.84 -0.29 -12.80
CA GLN A 17 -0.45 -0.85 -14.11
C GLN A 17 -1.01 -2.23 -14.32
N ILE A 18 -0.94 -3.05 -13.28
CA ILE A 18 -1.47 -4.43 -13.30
C ILE A 18 -2.99 -4.40 -13.48
N MET A 19 -3.66 -3.59 -12.66
CA MET A 19 -5.11 -3.44 -12.71
C MET A 19 -5.59 -3.18 -14.12
N ASN A 20 -4.91 -2.26 -14.82
CA ASN A 20 -5.28 -1.91 -16.19
C ASN A 20 -4.47 -2.63 -17.25
N ARG A 21 -3.63 -3.58 -16.88
CA ARG A 21 -2.80 -4.32 -17.83
C ARG A 21 -3.65 -4.93 -18.94
N PRO A 22 -3.23 -4.78 -20.21
CA PRO A 22 -4.02 -5.34 -21.32
C PRO A 22 -4.19 -6.86 -21.25
N ASN A 23 -5.36 -7.34 -21.62
CA ASN A 23 -5.64 -8.78 -21.61
C ASN A 23 -5.14 -9.52 -20.35
N PRO A 24 -5.76 -9.22 -19.19
CA PRO A 24 -5.38 -9.85 -17.93
C PRO A 24 -5.44 -11.37 -18.00
N GLN A 25 -4.33 -12.05 -17.74
CA GLN A 25 -4.30 -13.51 -17.81
C GLN A 25 -5.01 -14.26 -16.67
N VAL A 26 -4.53 -14.12 -15.44
CA VAL A 26 -5.18 -14.79 -14.31
C VAL A 26 -6.08 -13.80 -13.55
N GLU A 27 -7.03 -14.32 -12.79
CA GLU A 27 -7.95 -13.48 -12.02
C GLU A 27 -7.36 -13.08 -10.67
N LEU A 28 -6.89 -11.85 -10.58
CA LEU A 28 -6.28 -11.33 -9.36
C LEU A 28 -7.29 -11.03 -8.27
N GLY A 29 -8.33 -10.29 -8.65
CA GLY A 29 -9.34 -9.91 -7.69
C GLY A 29 -8.96 -8.62 -6.99
N PRO A 30 -9.59 -8.32 -5.84
CA PRO A 30 -9.30 -7.09 -5.10
C PRO A 30 -7.98 -7.09 -4.32
N VAL A 31 -7.14 -6.10 -4.61
CA VAL A 31 -5.84 -5.94 -3.94
C VAL A 31 -5.98 -4.48 -3.53
N ASP A 32 -5.46 -4.24 -2.33
CA ASP A 32 -5.51 -2.86 -2.00
C ASP A 32 -4.03 -2.72 -1.53
N THR A 33 -3.84 -2.14 -0.35
CA THR A 33 -2.50 -1.99 0.21
C THR A 33 -2.12 -3.02 1.28
N SER A 34 -3.05 -3.13 2.23
CA SER A 34 -2.81 -4.13 3.21
C SER A 34 -2.55 -5.55 2.73
N CYS A 35 -2.35 -5.70 1.43
CA CYS A 35 -2.10 -7.00 0.83
C CYS A 35 -0.65 -7.45 1.00
N ALA A 36 -0.45 -8.74 1.30
CA ALA A 36 0.89 -9.29 1.46
C ALA A 36 1.50 -9.41 0.07
N LEU A 37 2.37 -8.48 -0.25
CA LEU A 37 2.99 -8.48 -1.55
C LEU A 37 4.47 -8.14 -1.51
N ILE A 38 5.17 -8.56 -2.54
CA ILE A 38 6.58 -8.30 -2.66
C ILE A 38 6.91 -7.94 -4.11
N LEU A 39 8.07 -7.34 -4.34
CA LEU A 39 8.49 -6.99 -5.69
C LEU A 39 9.90 -7.57 -5.89
N CYS A 40 10.07 -8.27 -7.01
CA CYS A 40 11.36 -8.86 -7.33
C CYS A 40 11.96 -8.20 -8.56
N ASP A 41 13.29 -8.18 -8.63
CA ASP A 41 14.00 -7.58 -9.75
C ASP A 41 14.33 -8.64 -10.80
N LEU A 42 13.59 -8.61 -11.91
CA LEU A 42 13.78 -9.52 -13.02
C LEU A 42 15.11 -9.23 -13.70
N LYS A 43 15.56 -7.97 -13.63
CA LYS A 43 16.82 -7.54 -14.22
C LYS A 43 18.03 -7.87 -13.35
N GLN A 44 17.80 -8.59 -12.26
CA GLN A 44 18.89 -9.01 -11.39
C GLN A 44 18.85 -10.53 -11.31
N LYS A 45 20.01 -11.16 -11.32
CA LYS A 45 20.10 -12.61 -11.28
C LYS A 45 19.24 -13.25 -10.17
N ASP A 46 18.58 -14.34 -10.51
CA ASP A 46 17.70 -15.06 -9.60
C ASP A 46 16.53 -14.24 -9.00
N THR A 47 16.15 -13.18 -9.72
CA THR A 47 15.03 -12.32 -9.35
C THR A 47 14.92 -12.04 -7.84
N PRO A 48 15.99 -11.50 -7.25
CA PRO A 48 15.92 -11.23 -5.81
C PRO A 48 14.75 -10.33 -5.44
N ILE A 49 14.31 -10.46 -4.19
CA ILE A 49 13.20 -9.66 -3.67
C ILE A 49 13.80 -8.31 -3.37
N VAL A 50 13.20 -7.25 -3.90
CA VAL A 50 13.75 -5.92 -3.62
C VAL A 50 12.80 -5.11 -2.74
N TYR A 51 11.65 -5.71 -2.39
CA TYR A 51 10.69 -5.04 -1.54
C TYR A 51 9.67 -6.00 -0.96
N ALA A 52 9.52 -5.96 0.36
CA ALA A 52 8.58 -6.81 1.07
C ALA A 52 7.73 -5.96 2.01
N SER A 53 6.44 -5.86 1.73
CA SER A 53 5.59 -5.10 2.57
C SER A 53 5.55 -5.69 3.84
N GLU A 54 4.37 -5.27 4.19
CA GLU A 54 4.26 -5.72 5.43
C GLU A 54 3.68 -7.04 5.56
N ALA A 55 2.40 -6.67 5.60
CA ALA A 55 1.72 -7.84 5.61
C ALA A 55 2.52 -9.15 5.30
N PHE A 56 3.31 -9.11 4.23
CA PHE A 56 4.10 -10.26 3.83
C PHE A 56 5.07 -10.65 4.95
N LEU A 57 5.80 -9.69 5.48
CA LEU A 57 6.75 -9.91 6.56
C LEU A 57 6.07 -10.51 7.79
N TYR A 58 4.91 -9.97 8.12
CA TYR A 58 4.14 -10.45 9.26
C TYR A 58 3.73 -11.90 9.03
N MET A 59 3.15 -12.14 7.86
CA MET A 59 2.70 -13.47 7.47
C MET A 59 3.81 -14.52 7.56
N THR A 60 4.89 -14.29 6.82
CA THR A 60 6.00 -15.22 6.77
C THR A 60 6.88 -15.29 8.03
N GLY A 61 6.72 -14.31 8.92
CA GLY A 61 7.51 -14.29 10.14
C GLY A 61 8.94 -13.79 9.94
N TYR A 62 9.21 -13.30 8.73
CA TYR A 62 10.53 -12.78 8.41
C TYR A 62 10.63 -11.26 8.46
N SER A 63 11.85 -10.76 8.67
CA SER A 63 12.08 -9.33 8.73
C SER A 63 12.37 -8.81 7.32
N ASN A 64 12.47 -7.51 7.20
CA ASN A 64 12.74 -6.90 5.93
C ASN A 64 14.20 -7.18 5.52
N ALA A 65 15.07 -7.29 6.51
CA ALA A 65 16.49 -7.55 6.26
C ALA A 65 16.75 -9.01 5.97
N GLU A 66 15.82 -9.86 6.40
CA GLU A 66 15.97 -11.29 6.18
C GLU A 66 15.51 -11.71 4.78
N VAL A 67 14.63 -10.95 4.16
CA VAL A 67 14.12 -11.32 2.84
C VAL A 67 14.68 -10.53 1.66
N LEU A 68 15.06 -9.28 1.87
CA LEU A 68 15.59 -8.46 0.78
C LEU A 68 16.92 -9.00 0.25
N GLY A 69 16.94 -9.23 -1.05
CA GLY A 69 18.14 -9.74 -1.70
C GLY A 69 18.08 -11.22 -2.03
N ARG A 70 17.10 -11.91 -1.45
CA ARG A 70 16.91 -13.35 -1.66
C ARG A 70 15.76 -13.67 -2.61
N ASN A 71 15.80 -14.87 -3.18
CA ASN A 71 14.76 -15.35 -4.07
C ASN A 71 13.67 -15.99 -3.19
N CYS A 72 12.41 -15.63 -3.46
CA CYS A 72 11.26 -16.10 -2.69
C CYS A 72 11.20 -17.62 -2.41
N ARG A 73 12.02 -18.41 -3.11
CA ARG A 73 12.00 -19.85 -2.90
C ARG A 73 12.38 -20.34 -1.49
N PHE A 74 13.01 -19.49 -0.69
CA PHE A 74 13.39 -19.90 0.65
C PHE A 74 12.18 -20.27 1.52
N LEU A 75 10.99 -19.82 1.09
CA LEU A 75 9.74 -20.10 1.82
C LEU A 75 9.26 -21.53 1.61
N GLN A 76 9.93 -22.24 0.72
CA GLN A 76 9.55 -23.61 0.41
C GLN A 76 10.14 -24.70 1.32
N SER A 77 10.98 -24.31 2.27
CA SER A 77 11.57 -25.25 3.21
C SER A 77 11.42 -24.77 4.64
N PRO A 78 11.02 -25.65 5.56
CA PRO A 78 10.85 -25.27 6.97
C PRO A 78 12.10 -24.69 7.64
N ASP A 79 13.20 -24.62 6.89
CA ASP A 79 14.45 -24.06 7.41
C ASP A 79 14.97 -22.95 6.49
N GLY A 80 14.12 -22.50 5.58
CA GLY A 80 14.51 -21.43 4.67
C GLY A 80 15.81 -21.67 3.92
N MET A 81 16.12 -22.93 3.65
CA MET A 81 17.32 -23.31 2.93
C MET A 81 16.86 -23.99 1.63
N VAL A 82 16.65 -23.20 0.59
CA VAL A 82 16.20 -23.75 -0.68
C VAL A 82 17.11 -23.35 -1.83
N LYS A 83 17.88 -24.31 -2.35
CA LYS A 83 18.79 -24.05 -3.46
C LYS A 83 18.10 -24.23 -4.80
N PRO A 84 18.56 -23.50 -5.83
CA PRO A 84 17.95 -23.59 -7.17
C PRO A 84 18.09 -24.98 -7.79
N LYS A 85 17.05 -25.42 -8.49
CA LYS A 85 17.03 -26.72 -9.15
C LYS A 85 16.83 -27.91 -8.20
N SER A 86 17.03 -27.68 -6.89
CA SER A 86 16.90 -28.74 -5.89
C SER A 86 15.50 -29.31 -5.76
N THR A 87 15.38 -30.41 -5.02
CA THR A 87 14.10 -31.08 -4.80
C THR A 87 13.53 -30.83 -3.40
N ARG A 88 12.37 -30.18 -3.34
CA ARG A 88 11.70 -29.90 -2.07
C ARG A 88 10.97 -31.15 -1.61
N LYS A 89 11.17 -31.52 -0.35
CA LYS A 89 10.51 -32.71 0.17
C LYS A 89 9.04 -32.52 0.51
N TYR A 90 8.59 -31.28 0.65
CA TYR A 90 7.20 -31.04 1.00
C TYR A 90 6.40 -30.21 0.00
N VAL A 91 7.06 -29.74 -1.05
CA VAL A 91 6.40 -28.93 -2.05
C VAL A 91 6.40 -29.55 -3.45
N ASP A 92 5.24 -29.50 -4.10
CA ASP A 92 5.07 -30.08 -5.43
C ASP A 92 5.96 -29.52 -6.53
N SER A 93 6.92 -30.32 -6.98
CA SER A 93 7.87 -29.94 -8.01
C SER A 93 7.17 -29.39 -9.23
N ASN A 94 6.08 -30.03 -9.58
CA ASN A 94 5.26 -29.65 -10.72
C ASN A 94 4.88 -28.19 -10.58
N THR A 95 4.31 -27.86 -9.43
CA THR A 95 3.87 -26.51 -9.16
C THR A 95 4.98 -25.52 -9.42
N ILE A 96 6.11 -25.67 -8.74
CA ILE A 96 7.18 -24.73 -8.94
C ILE A 96 7.70 -24.60 -10.37
N ASN A 97 7.48 -25.60 -11.23
CA ASN A 97 7.96 -25.50 -12.61
C ASN A 97 7.03 -24.59 -13.40
N THR A 98 5.77 -24.63 -13.01
CA THR A 98 4.72 -23.82 -13.61
C THR A 98 5.10 -22.37 -13.30
N ILE A 99 5.49 -22.12 -12.06
CA ILE A 99 5.89 -20.79 -11.62
C ILE A 99 7.16 -20.35 -12.33
N ARG A 100 8.11 -21.28 -12.42
CA ARG A 100 9.41 -21.05 -13.03
C ARG A 100 9.30 -20.65 -14.51
N LYS A 101 8.57 -21.47 -15.27
CA LYS A 101 8.38 -21.25 -16.69
C LYS A 101 7.62 -19.96 -16.97
N ALA A 102 6.56 -19.73 -16.20
CA ALA A 102 5.76 -18.53 -16.37
C ALA A 102 6.62 -17.28 -16.22
N ILE A 103 7.51 -17.31 -15.22
CA ILE A 103 8.41 -16.21 -14.93
C ILE A 103 9.42 -15.96 -16.04
N ASP A 104 10.02 -17.02 -16.58
CA ASP A 104 11.00 -16.90 -17.67
C ASP A 104 10.35 -16.40 -18.95
N ARG A 105 9.06 -16.74 -19.11
CA ARG A 105 8.30 -16.33 -20.29
C ARG A 105 7.53 -15.04 -20.10
N ASN A 106 7.69 -14.41 -18.93
CA ASN A 106 6.97 -13.17 -18.60
C ASN A 106 5.47 -13.46 -18.69
N ALA A 107 5.08 -14.64 -18.23
CA ALA A 107 3.68 -15.06 -18.24
C ALA A 107 3.14 -15.03 -16.83
N GLU A 108 1.83 -14.83 -16.70
CA GLU A 108 1.23 -14.78 -15.37
C GLU A 108 1.00 -16.18 -14.81
N VAL A 109 1.24 -16.34 -13.51
CA VAL A 109 1.01 -17.62 -12.86
C VAL A 109 0.26 -17.42 -11.53
N GLN A 110 -0.70 -18.32 -11.29
CA GLN A 110 -1.49 -18.29 -10.07
C GLN A 110 -1.64 -19.74 -9.61
N VAL A 111 -1.03 -20.07 -8.48
CA VAL A 111 -1.08 -21.42 -7.95
C VAL A 111 -1.26 -21.43 -6.44
N GLU A 112 -1.39 -22.64 -5.88
CA GLU A 112 -1.46 -22.82 -4.43
C GLU A 112 -0.14 -23.51 -4.16
N VAL A 113 0.61 -23.01 -3.21
CA VAL A 113 1.89 -23.63 -2.93
C VAL A 113 2.14 -23.76 -1.43
N VAL A 114 2.85 -24.81 -1.04
CA VAL A 114 3.14 -25.02 0.37
C VAL A 114 4.37 -24.21 0.76
N ASN A 115 4.16 -23.29 1.70
CA ASN A 115 5.23 -22.43 2.19
C ASN A 115 5.42 -22.66 3.68
N PHE A 116 6.49 -22.08 4.23
CA PHE A 116 6.83 -22.23 5.64
C PHE A 116 7.27 -20.91 6.22
N LYS A 117 6.92 -20.66 7.48
CA LYS A 117 7.32 -19.42 8.12
C LYS A 117 8.68 -19.63 8.82
N LYS A 118 9.29 -18.54 9.27
CA LYS A 118 10.58 -18.60 9.94
C LYS A 118 10.58 -19.65 11.06
N ASN A 119 9.53 -19.65 11.88
CA ASN A 119 9.45 -20.62 12.98
C ASN A 119 9.20 -22.05 12.49
N GLY A 120 9.00 -22.20 11.17
CA GLY A 120 8.79 -23.52 10.60
C GLY A 120 7.35 -23.89 10.30
N GLN A 121 6.39 -23.04 10.64
CA GLN A 121 5.00 -23.36 10.37
C GLN A 121 4.64 -23.43 8.91
N ARG A 122 4.08 -24.56 8.52
CA ARG A 122 3.65 -24.82 7.16
C ARG A 122 2.31 -24.13 6.91
N PHE A 123 2.06 -23.77 5.65
CA PHE A 123 0.80 -23.17 5.27
C PHE A 123 0.63 -23.14 3.75
N VAL A 124 -0.60 -22.99 3.31
CA VAL A 124 -0.87 -22.93 1.89
C VAL A 124 -0.86 -21.48 1.48
N ASN A 125 -0.10 -21.19 0.44
CA ASN A 125 0.01 -19.83 -0.05
C ASN A 125 -0.68 -19.73 -1.40
N PHE A 126 -1.76 -18.95 -1.45
CA PHE A 126 -2.48 -18.74 -2.69
C PHE A 126 -1.72 -17.63 -3.42
N LEU A 127 -0.68 -18.02 -4.15
CA LEU A 127 0.18 -17.08 -4.84
C LEU A 127 -0.20 -16.71 -6.27
N THR A 128 0.23 -15.53 -6.70
CA THR A 128 -0.01 -15.00 -8.03
C THR A 128 1.15 -14.04 -8.30
N ILE A 129 1.81 -14.21 -9.43
CA ILE A 129 2.93 -13.33 -9.79
C ILE A 129 2.66 -12.73 -11.18
N ILE A 130 2.56 -11.42 -11.21
CA ILE A 130 2.29 -10.67 -12.43
C ILE A 130 3.51 -9.81 -12.77
N PRO A 131 4.08 -10.02 -13.97
CA PRO A 131 5.25 -9.20 -14.33
C PRO A 131 4.86 -7.72 -14.46
N VAL A 132 5.85 -6.84 -14.20
CA VAL A 132 5.65 -5.39 -14.27
C VAL A 132 6.63 -4.70 -15.22
N ARG A 133 6.09 -3.92 -16.15
CA ARG A 133 6.88 -3.15 -17.10
C ARG A 133 7.34 -1.83 -16.46
N ASP A 134 8.55 -1.38 -16.73
CA ASP A 134 9.01 -0.12 -16.15
C ASP A 134 8.60 1.07 -17.02
N GLU A 135 9.10 2.26 -16.70
CA GLU A 135 8.76 3.48 -17.45
C GLU A 135 8.95 3.36 -18.97
N THR A 136 9.78 2.41 -19.39
CA THR A 136 10.08 2.23 -20.81
C THR A 136 9.46 1.00 -21.49
N GLY A 137 8.56 0.31 -20.81
CA GLY A 137 7.91 -0.84 -21.43
C GLY A 137 8.55 -2.19 -21.16
N GLU A 138 9.82 -2.19 -20.75
CA GLU A 138 10.54 -3.42 -20.46
C GLU A 138 10.10 -3.99 -19.10
N TYR A 139 10.00 -5.33 -19.03
CA TYR A 139 9.63 -6.03 -17.80
C TYR A 139 10.85 -6.12 -16.89
N ARG A 140 10.95 -5.20 -15.93
CA ARG A 140 12.09 -5.18 -15.01
C ARG A 140 11.79 -5.79 -13.65
N TYR A 141 10.51 -5.91 -13.32
CA TYR A 141 10.13 -6.48 -12.03
C TYR A 141 8.89 -7.35 -12.10
N SER A 142 8.67 -8.07 -11.02
CA SER A 142 7.53 -8.95 -10.89
C SER A 142 6.92 -8.70 -9.52
N MET A 143 5.60 -8.52 -9.46
CA MET A 143 4.96 -8.28 -8.18
C MET A 143 4.40 -9.60 -7.62
N GLY A 144 4.68 -9.86 -6.35
CA GLY A 144 4.20 -11.08 -5.72
C GLY A 144 2.97 -10.84 -4.86
N PHE A 145 1.96 -11.69 -5.03
CA PHE A 145 0.70 -11.60 -4.27
C PHE A 145 0.51 -12.86 -3.42
N GLN A 146 0.89 -12.79 -2.15
CA GLN A 146 0.76 -13.94 -1.27
C GLN A 146 -0.48 -13.83 -0.39
N CYS A 147 -1.08 -14.97 -0.08
CA CYS A 147 -2.26 -15.05 0.78
C CYS A 147 -2.34 -16.41 1.42
N GLU A 148 -2.52 -16.43 2.75
CA GLU A 148 -2.69 -17.67 3.48
C GLU A 148 -4.23 -18.14 3.30
N HIS B 1 -8.79 -9.13 6.33
CA HIS B 1 -8.57 -9.56 4.96
C HIS B 1 -8.67 -11.08 4.77
N THR B 2 -9.06 -11.49 3.57
CA THR B 2 -9.21 -12.90 3.25
C THR B 2 -8.48 -13.24 1.94
N LEU B 3 -9.06 -12.82 0.81
CA LEU B 3 -8.45 -13.05 -0.51
C LEU B 3 -7.18 -12.20 -0.59
N TYR B 4 -7.34 -10.94 -0.99
CA TYR B 4 -6.21 -10.02 -1.07
C TYR B 4 -6.62 -8.66 -0.51
N ALA B 5 -7.88 -8.27 -0.71
CA ALA B 5 -8.36 -6.98 -0.22
C ALA B 5 -9.83 -6.66 -0.56
N PRO B 6 -10.79 -7.33 0.09
CA PRO B 6 -12.20 -7.05 -0.23
C PRO B 6 -12.87 -5.96 0.61
N GLY B 7 -13.33 -6.35 1.81
CA GLY B 7 -14.03 -5.43 2.71
C GLY B 7 -13.63 -3.96 2.76
N GLY B 8 -14.37 -3.12 2.03
CA GLY B 8 -14.06 -1.70 2.05
C GLY B 8 -14.38 -0.93 0.79
N TYR B 9 -14.11 0.38 0.84
CA TYR B 9 -14.36 1.24 -0.31
C TYR B 9 -13.31 0.91 -1.38
N ASP B 10 -13.59 1.30 -2.62
CA ASP B 10 -12.68 1.03 -3.74
C ASP B 10 -11.46 1.94 -3.73
N ILE B 11 -10.67 1.85 -2.66
CA ILE B 11 -9.47 2.64 -2.48
C ILE B 11 -8.55 2.49 -3.67
N MET B 12 -8.34 1.25 -4.11
CA MET B 12 -7.47 1.04 -5.25
C MET B 12 -8.00 1.86 -6.41
N GLY B 13 -9.32 1.91 -6.54
CA GLY B 13 -9.93 2.67 -7.63
C GLY B 13 -9.72 4.18 -7.62
N TYR B 14 -9.66 4.75 -6.43
CA TYR B 14 -9.45 6.20 -6.32
C TYR B 14 -7.98 6.53 -6.53
N LEU B 15 -7.10 5.64 -6.08
CA LEU B 15 -5.66 5.82 -6.26
C LEU B 15 -5.35 5.85 -7.75
N ILE B 16 -6.04 5.00 -8.50
CA ILE B 16 -5.88 4.94 -9.95
C ILE B 16 -6.38 6.27 -10.54
N GLN B 17 -7.64 6.57 -10.27
CA GLN B 17 -8.26 7.80 -10.76
C GLN B 17 -7.38 9.01 -10.43
N ILE B 18 -6.80 9.01 -9.24
CA ILE B 18 -5.95 10.11 -8.80
C ILE B 18 -4.65 10.24 -9.58
N MET B 19 -3.91 9.15 -9.74
CA MET B 19 -2.64 9.22 -10.48
C MET B 19 -2.84 9.65 -11.92
N ASN B 20 -3.98 9.30 -12.49
CA ASN B 20 -4.25 9.67 -13.87
C ASN B 20 -4.93 11.03 -14.03
N ARG B 21 -5.02 11.78 -12.94
CA ARG B 21 -5.61 13.11 -13.01
C ARG B 21 -4.65 13.96 -13.84
N PRO B 22 -5.13 14.53 -14.96
CA PRO B 22 -4.28 15.37 -15.83
C PRO B 22 -4.13 16.83 -15.40
N ASN B 23 -4.26 17.10 -14.10
CA ASN B 23 -4.10 18.45 -13.57
C ASN B 23 -3.29 18.48 -12.27
N PRO B 24 -2.16 17.75 -12.22
CA PRO B 24 -1.29 17.69 -11.04
C PRO B 24 -0.92 19.06 -10.48
N GLN B 25 -1.44 19.37 -9.28
CA GLN B 25 -1.16 20.63 -8.61
C GLN B 25 -0.02 20.44 -7.61
N VAL B 26 -0.01 19.27 -6.98
CA VAL B 26 1.01 18.93 -6.00
C VAL B 26 1.69 17.64 -6.46
N GLU B 27 2.90 17.41 -5.98
CA GLU B 27 3.63 16.20 -6.36
C GLU B 27 3.56 15.12 -5.29
N LEU B 28 2.93 14.01 -5.64
CA LEU B 28 2.78 12.87 -4.73
C LEU B 28 4.02 11.99 -4.72
N GLY B 29 4.67 11.91 -5.88
CA GLY B 29 5.86 11.08 -6.02
C GLY B 29 5.48 9.63 -5.90
N PRO B 30 6.46 8.73 -5.68
CA PRO B 30 6.20 7.29 -5.54
C PRO B 30 5.49 6.96 -4.20
N VAL B 31 4.60 5.98 -4.22
CA VAL B 31 3.85 5.60 -3.02
C VAL B 31 3.89 4.08 -2.78
N ASP B 32 4.39 3.66 -1.62
CA ASP B 32 4.43 2.24 -1.29
C ASP B 32 3.39 1.85 -0.23
N THR B 33 3.52 0.65 0.33
CA THR B 33 2.57 0.18 1.32
C THR B 33 2.75 0.78 2.71
N SER B 34 3.85 1.49 2.92
CA SER B 34 4.09 2.10 4.23
C SER B 34 3.32 3.43 4.35
N CYS B 35 2.79 3.89 3.22
CA CYS B 35 2.05 5.15 3.18
C CYS B 35 0.68 5.05 3.85
N ALA B 36 0.51 5.80 4.95
CA ALA B 36 -0.75 5.82 5.67
C ALA B 36 -1.78 6.55 4.79
N LEU B 37 -2.92 5.90 4.58
CA LEU B 37 -3.99 6.43 3.74
C LEU B 37 -5.34 6.59 4.43
N ILE B 38 -6.08 7.63 4.04
CA ILE B 38 -7.43 7.83 4.55
C ILE B 38 -8.30 8.49 3.48
N LEU B 39 -9.50 7.97 3.32
CA LEU B 39 -10.47 8.49 2.35
C LEU B 39 -11.59 9.21 3.14
N CYS B 40 -11.91 10.44 2.74
CA CYS B 40 -12.96 11.22 3.40
C CYS B 40 -14.06 11.55 2.42
N ASP B 41 -15.29 11.65 2.93
CA ASP B 41 -16.43 11.99 2.10
C ASP B 41 -16.79 13.44 2.33
N LEU B 42 -16.36 14.27 1.39
CA LEU B 42 -16.59 15.70 1.43
C LEU B 42 -18.06 16.10 1.48
N LYS B 43 -18.93 15.20 1.03
CA LYS B 43 -20.36 15.48 1.01
C LYS B 43 -21.13 15.13 2.29
N GLN B 44 -20.43 14.52 3.24
CA GLN B 44 -21.03 14.15 4.52
C GLN B 44 -20.64 15.22 5.51
N LYS B 45 -21.46 15.42 6.54
CA LYS B 45 -21.18 16.45 7.54
C LYS B 45 -19.79 16.43 8.18
N ASP B 46 -19.05 17.51 7.94
CA ASP B 46 -17.72 17.75 8.46
C ASP B 46 -16.62 16.86 7.88
N THR B 47 -16.82 16.41 6.64
CA THR B 47 -15.81 15.60 5.95
C THR B 47 -15.21 14.46 6.78
N PRO B 48 -16.06 13.57 7.32
CA PRO B 48 -15.58 12.45 8.12
C PRO B 48 -14.77 11.39 7.36
N ILE B 49 -13.86 10.75 8.10
CA ILE B 49 -13.03 9.69 7.54
C ILE B 49 -13.89 8.44 7.46
N VAL B 50 -14.07 7.93 6.24
CA VAL B 50 -14.86 6.72 6.01
C VAL B 50 -13.95 5.50 5.87
N TYR B 51 -12.67 5.73 5.60
CA TYR B 51 -11.71 4.64 5.50
C TYR B 51 -10.31 5.04 5.97
N ALA B 52 -9.69 4.17 6.75
CA ALA B 52 -8.35 4.38 7.27
C ALA B 52 -7.55 3.11 7.10
N SER B 53 -6.42 3.21 6.39
CA SER B 53 -5.55 2.06 6.16
C SER B 53 -4.87 1.73 7.46
N GLU B 54 -4.31 0.52 7.55
CA GLU B 54 -3.60 0.09 8.76
C GLU B 54 -2.36 0.95 9.04
N ALA B 55 -1.71 1.44 7.99
CA ALA B 55 -0.52 2.28 8.14
C ALA B 55 -0.86 3.55 8.93
N PHE B 56 -2.02 4.12 8.65
CA PHE B 56 -2.51 5.31 9.34
C PHE B 56 -2.77 4.98 10.81
N LEU B 57 -3.47 3.87 11.04
CA LEU B 57 -3.77 3.42 12.38
C LEU B 57 -2.47 3.24 13.15
N TYR B 58 -1.54 2.51 12.54
CA TYR B 58 -0.26 2.25 13.14
C TYR B 58 0.51 3.54 13.43
N MET B 59 0.47 4.48 12.49
CA MET B 59 1.16 5.76 12.63
C MET B 59 0.60 6.63 13.73
N THR B 60 -0.71 6.86 13.72
CA THR B 60 -1.34 7.71 14.74
C THR B 60 -1.68 6.98 16.03
N GLY B 61 -1.42 5.68 16.06
CA GLY B 61 -1.70 4.89 17.24
C GLY B 61 -3.17 4.76 17.61
N TYR B 62 -4.07 5.20 16.73
CA TYR B 62 -5.48 5.08 17.03
C TYR B 62 -6.00 3.81 16.38
N SER B 63 -7.21 3.39 16.74
CA SER B 63 -7.79 2.19 16.16
C SER B 63 -8.85 2.60 15.14
N ASN B 64 -9.36 1.63 14.36
CA ASN B 64 -10.37 1.96 13.37
C ASN B 64 -11.61 2.59 14.02
N ALA B 65 -12.01 2.05 15.16
CA ALA B 65 -13.17 2.56 15.87
C ALA B 65 -12.97 4.02 16.24
N GLU B 66 -11.74 4.35 16.63
CA GLU B 66 -11.39 5.69 17.04
C GLU B 66 -11.23 6.79 15.97
N VAL B 67 -10.94 6.41 14.73
CA VAL B 67 -10.78 7.41 13.67
C VAL B 67 -11.98 7.49 12.73
N LEU B 68 -12.70 6.37 12.61
CA LEU B 68 -13.86 6.27 11.74
C LEU B 68 -15.05 7.11 12.20
N GLY B 69 -15.57 7.92 11.28
CA GLY B 69 -16.72 8.78 11.56
C GLY B 69 -16.33 10.17 12.02
N ARG B 70 -15.03 10.39 12.15
CA ARG B 70 -14.49 11.65 12.61
C ARG B 70 -13.74 12.46 11.56
N ASN B 71 -13.48 13.73 11.87
CA ASN B 71 -12.75 14.64 11.00
C ASN B 71 -11.30 14.59 11.45
N CYS B 72 -10.40 14.36 10.49
CA CYS B 72 -8.95 14.23 10.73
C CYS B 72 -8.28 15.30 11.61
N ARG B 73 -8.97 16.41 11.85
CA ARG B 73 -8.42 17.48 12.70
C ARG B 73 -8.19 17.02 14.15
N PHE B 74 -8.86 15.94 14.56
CA PHE B 74 -8.71 15.43 15.91
C PHE B 74 -7.23 15.16 16.17
N LEU B 75 -6.46 15.02 15.10
CA LEU B 75 -5.03 14.74 15.15
C LEU B 75 -4.19 15.97 15.54
N GLN B 76 -4.85 17.13 15.53
CA GLN B 76 -4.19 18.38 15.84
C GLN B 76 -4.03 18.66 17.36
N SER B 77 -4.48 17.74 18.20
CA SER B 77 -4.35 17.91 19.65
C SER B 77 -3.89 16.60 20.28
N PRO B 78 -3.03 16.68 21.32
CA PRO B 78 -2.55 15.46 22.00
C PRO B 78 -3.62 14.61 22.68
N ASP B 79 -4.81 15.18 22.88
CA ASP B 79 -5.91 14.47 23.51
C ASP B 79 -7.07 14.14 22.56
N GLY B 80 -6.90 14.42 21.27
CA GLY B 80 -7.92 14.14 20.28
C GLY B 80 -9.07 15.13 20.25
N MET B 81 -9.02 16.14 21.11
CA MET B 81 -10.07 17.14 21.18
C MET B 81 -9.77 18.34 20.28
N VAL B 82 -10.44 18.41 19.13
CA VAL B 82 -10.24 19.54 18.23
C VAL B 82 -11.56 19.94 17.61
N LYS B 83 -12.21 20.95 18.18
CA LYS B 83 -13.49 21.44 17.69
C LYS B 83 -13.30 22.42 16.53
N PRO B 84 -14.17 22.32 15.52
CA PRO B 84 -14.09 23.21 14.35
C PRO B 84 -14.14 24.68 14.70
N LYS B 85 -13.48 25.49 13.88
CA LYS B 85 -13.43 26.95 14.05
C LYS B 85 -12.66 27.37 15.30
N SER B 86 -11.97 26.42 15.93
CA SER B 86 -11.22 26.71 17.16
C SER B 86 -9.72 26.89 16.95
N THR B 87 -9.09 27.66 17.83
CA THR B 87 -7.66 27.91 17.75
C THR B 87 -6.86 26.80 18.44
N ARG B 88 -5.96 26.15 17.70
CA ARG B 88 -5.16 25.09 18.28
C ARG B 88 -3.94 25.70 18.99
N LYS B 89 -3.54 25.09 20.10
CA LYS B 89 -2.41 25.61 20.84
C LYS B 89 -1.09 24.85 20.67
N TYR B 90 -0.70 24.59 19.42
CA TYR B 90 0.56 23.91 19.13
C TYR B 90 0.86 24.00 17.65
N VAL B 91 -0.18 23.77 16.87
CA VAL B 91 -0.11 23.78 15.42
C VAL B 91 0.16 25.15 14.80
N ASP B 92 0.61 25.17 13.55
CA ASP B 92 0.83 26.41 12.81
C ASP B 92 -0.53 26.67 12.18
N SER B 93 -1.16 27.79 12.53
CA SER B 93 -2.48 28.12 12.02
C SER B 93 -2.55 28.40 10.52
N ASN B 94 -1.42 28.71 9.90
CA ASN B 94 -1.39 28.97 8.47
C ASN B 94 -1.57 27.64 7.75
N THR B 95 -0.96 26.59 8.31
CA THR B 95 -1.07 25.24 7.76
C THR B 95 -2.53 24.81 7.85
N ILE B 96 -3.19 25.22 8.93
CA ILE B 96 -4.59 24.89 9.14
C ILE B 96 -5.47 25.73 8.26
N ASN B 97 -5.01 26.94 7.95
CA ASN B 97 -5.76 27.83 7.07
C ASN B 97 -5.66 27.32 5.64
N THR B 98 -4.43 27.09 5.20
CA THR B 98 -4.13 26.59 3.86
C THR B 98 -4.93 25.33 3.53
N ILE B 99 -4.96 24.38 4.46
CA ILE B 99 -5.68 23.12 4.28
C ILE B 99 -7.17 23.38 4.06
N ARG B 100 -7.81 24.04 5.02
CA ARG B 100 -9.24 24.35 4.94
C ARG B 100 -9.62 25.04 3.65
N LYS B 101 -8.89 26.10 3.32
CA LYS B 101 -9.18 26.83 2.11
C LYS B 101 -9.10 25.87 0.94
N ALA B 102 -7.98 25.16 0.82
CA ALA B 102 -7.82 24.20 -0.28
C ALA B 102 -9.04 23.29 -0.37
N ILE B 103 -9.40 22.67 0.75
CA ILE B 103 -10.56 21.77 0.81
C ILE B 103 -11.85 22.44 0.32
N ASP B 104 -12.08 23.70 0.67
CA ASP B 104 -13.29 24.39 0.24
C ASP B 104 -13.35 24.67 -1.28
N ARG B 105 -12.19 24.87 -1.89
CA ARG B 105 -12.11 25.15 -3.32
C ARG B 105 -11.89 23.86 -4.13
N ASN B 106 -11.82 22.72 -3.44
CA ASN B 106 -11.57 21.44 -4.10
C ASN B 106 -10.20 21.48 -4.77
N ALA B 107 -9.25 22.09 -4.08
CA ALA B 107 -7.91 22.23 -4.58
C ALA B 107 -6.96 21.31 -3.81
N GLU B 108 -5.93 20.84 -4.50
CA GLU B 108 -4.93 19.96 -3.91
C GLU B 108 -4.02 20.73 -2.98
N VAL B 109 -3.78 20.18 -1.80
CA VAL B 109 -2.93 20.82 -0.83
C VAL B 109 -1.89 19.85 -0.30
N GLN B 110 -0.70 20.37 -0.06
CA GLN B 110 0.42 19.58 0.44
C GLN B 110 1.15 20.41 1.49
N VAL B 111 1.04 20.02 2.75
CA VAL B 111 1.72 20.77 3.80
C VAL B 111 2.39 19.83 4.80
N GLU B 112 3.02 20.43 5.80
CA GLU B 112 3.67 19.72 6.89
C GLU B 112 2.96 20.29 8.11
N VAL B 113 2.06 19.49 8.69
CA VAL B 113 1.29 19.92 9.84
C VAL B 113 1.73 19.23 11.13
N VAL B 114 1.46 19.86 12.28
CA VAL B 114 1.82 19.31 13.58
C VAL B 114 0.71 18.40 14.12
N ASN B 115 0.98 17.10 14.19
CA ASN B 115 0.00 16.15 14.69
C ASN B 115 0.43 15.43 15.96
N PHE B 116 -0.50 14.70 16.57
CA PHE B 116 -0.22 13.98 17.82
C PHE B 116 -0.76 12.56 17.83
N LYS B 117 0.01 11.64 18.40
CA LYS B 117 -0.41 10.26 18.47
C LYS B 117 -1.28 10.05 19.69
N LYS B 118 -1.94 8.90 19.75
CA LYS B 118 -2.81 8.55 20.87
C LYS B 118 -2.10 8.67 22.21
N ASN B 119 -0.81 8.33 22.24
CA ASN B 119 -0.03 8.39 23.46
C ASN B 119 0.48 9.79 23.77
N GLY B 120 0.18 10.74 22.89
CA GLY B 120 0.59 12.12 23.10
C GLY B 120 1.80 12.58 22.32
N GLN B 121 2.53 11.64 21.74
CA GLN B 121 3.73 11.95 20.98
C GLN B 121 3.46 12.91 19.83
N ARG B 122 4.24 13.97 19.76
CA ARG B 122 4.11 14.99 18.72
C ARG B 122 4.93 14.56 17.50
N PHE B 123 4.39 14.75 16.29
CA PHE B 123 5.11 14.42 15.06
C PHE B 123 4.75 15.34 13.91
N VAL B 124 5.69 15.52 12.99
CA VAL B 124 5.46 16.36 11.83
C VAL B 124 4.87 15.43 10.78
N ASN B 125 3.70 15.78 10.30
CA ASN B 125 2.97 14.99 9.34
C ASN B 125 3.00 15.59 7.92
N PHE B 126 3.77 14.96 7.02
CA PHE B 126 3.83 15.42 5.64
C PHE B 126 2.49 15.04 5.01
N LEU B 127 1.51 15.93 5.16
CA LEU B 127 0.15 15.74 4.67
C LEU B 127 -0.17 16.25 3.24
N THR B 128 -0.68 15.36 2.38
CA THR B 128 -1.05 15.73 1.03
C THR B 128 -2.51 15.33 0.78
N ILE B 129 -3.33 16.30 0.40
CA ILE B 129 -4.75 16.07 0.17
C ILE B 129 -5.16 16.33 -1.28
N ILE B 130 -5.78 15.31 -1.89
CA ILE B 130 -6.22 15.39 -3.28
C ILE B 130 -7.69 14.94 -3.41
N PRO B 131 -8.56 15.86 -3.83
CA PRO B 131 -9.97 15.48 -3.96
C PRO B 131 -10.19 14.74 -5.28
N VAL B 132 -11.17 13.84 -5.27
CA VAL B 132 -11.48 13.03 -6.44
C VAL B 132 -12.75 13.54 -7.14
N ARG B 133 -12.60 13.92 -8.40
CA ARG B 133 -13.72 14.42 -9.18
C ARG B 133 -14.59 13.29 -9.70
N ASP B 134 -15.89 13.55 -9.70
CA ASP B 134 -16.90 12.59 -10.15
C ASP B 134 -17.07 12.56 -11.66
N GLU B 135 -17.68 11.50 -12.16
CA GLU B 135 -17.91 11.40 -13.59
C GLU B 135 -18.95 12.46 -13.94
N THR B 136 -19.57 13.02 -12.89
CA THR B 136 -20.58 14.06 -13.06
C THR B 136 -20.01 15.43 -12.66
N GLY B 137 -18.72 15.46 -12.34
CA GLY B 137 -18.08 16.71 -11.96
C GLY B 137 -18.04 16.96 -10.46
N GLU B 138 -18.94 16.32 -9.73
CA GLU B 138 -19.01 16.49 -8.27
C GLU B 138 -17.84 15.85 -7.55
N TYR B 139 -17.45 16.43 -6.42
CA TYR B 139 -16.38 15.87 -5.63
C TYR B 139 -17.00 15.25 -4.38
N ARG B 140 -16.93 13.92 -4.24
CA ARG B 140 -17.46 13.29 -3.05
C ARG B 140 -16.31 12.92 -2.11
N TYR B 141 -15.32 12.22 -2.66
CA TYR B 141 -14.18 11.77 -1.89
C TYR B 141 -12.95 12.66 -2.02
N SER B 142 -12.09 12.57 -1.02
CA SER B 142 -10.83 13.30 -0.96
C SER B 142 -9.84 12.34 -0.31
N MET B 143 -8.71 12.09 -0.98
CA MET B 143 -7.71 11.16 -0.47
C MET B 143 -6.56 11.86 0.23
N GLY B 144 -6.26 11.42 1.46
CA GLY B 144 -5.17 12.00 2.22
C GLY B 144 -3.99 11.07 2.42
N PHE B 145 -2.80 11.53 2.04
CA PHE B 145 -1.55 10.76 2.15
C PHE B 145 -0.73 11.40 3.28
N GLN B 146 -0.50 10.63 4.34
CA GLN B 146 0.24 11.15 5.49
C GLN B 146 1.46 10.29 5.76
N CYS B 147 2.51 10.93 6.22
CA CYS B 147 3.73 10.23 6.56
C CYS B 147 4.49 11.10 7.53
N GLU B 148 4.95 10.47 8.60
CA GLU B 148 5.75 11.15 9.61
C GLU B 148 7.10 11.55 8.89
PA FAD C . 13.77 -24.62 -9.69
O1A FAD C . 14.83 -24.36 -8.68
O2A FAD C . 14.20 -24.97 -11.07
O5B FAD C . 12.82 -25.75 -9.10
C5B FAD C . 11.68 -26.33 -9.79
C4B FAD C . 11.51 -27.83 -9.43
O4B FAD C . 11.16 -28.53 -10.64
C3B FAD C . 12.74 -28.57 -8.85
O3B FAD C . 12.45 -29.31 -7.67
C2B FAD C . 13.25 -29.45 -9.99
O2B FAD C . 13.90 -30.68 -9.67
C1B FAD C . 12.03 -29.63 -10.91
N9A FAD C . 12.29 -29.55 -12.35
C8A FAD C . 13.30 -28.89 -13.01
N7A FAD C . 13.28 -29.03 -14.33
C5A FAD C . 12.12 -29.78 -14.55
C6A FAD C . 11.59 -30.40 -15.77
N6A FAD C . 12.07 -30.08 -16.98
N1A FAD C . 10.44 -31.15 -15.65
C2A FAD C . 9.98 -31.45 -14.39
N3A FAD C . 10.42 -30.97 -13.20
C4A FAD C . 11.61 -30.23 -13.36
N1 FAD C . 7.83 -18.84 -4.09
C2 FAD C . 7.17 -19.33 -2.98
O2 FAD C . 7.34 -20.52 -2.53
N3 FAD C . 6.22 -18.48 -2.31
C4 FAD C . 5.99 -17.13 -2.69
O4 FAD C . 5.11 -16.45 -2.13
C4X FAD C . 6.98 -16.52 -3.48
N5 FAD C . 6.59 -15.31 -4.20
C5X FAD C . 7.22 -14.89 -5.34
C6 FAD C . 7.18 -13.49 -5.72
C7 FAD C . 7.74 -13.04 -6.92
C7M FAD C . 7.65 -11.55 -7.24
C8 FAD C . 8.33 -13.99 -7.82
C8M FAD C . 8.98 -13.58 -9.14
C9 FAD C . 8.35 -15.39 -7.43
C9A FAD C . 7.77 -15.84 -6.23
N10 FAD C . 7.82 -17.23 -5.79
C10 FAD C . 7.47 -17.57 -4.46
C1' FAD C . 8.53 -18.25 -6.61
C2' FAD C . 10.06 -18.39 -6.47
O2' FAD C . 10.66 -17.10 -6.38
C3' FAD C . 10.59 -19.22 -7.67
O3' FAD C . 10.18 -18.60 -8.89
C4' FAD C . 10.09 -20.69 -7.60
O4' FAD C . 10.74 -21.33 -6.53
C5' FAD C . 10.34 -21.47 -8.91
O5' FAD C . 11.58 -21.08 -9.52
P FAD C . 12.96 -21.81 -9.21
O1P FAD C . 14.00 -20.99 -9.85
O2P FAD C . 13.09 -22.03 -7.74
O3P FAD C . 12.90 -23.28 -9.87
PA FAD D . -11.07 25.55 11.00
O1A FAD D . -11.62 24.82 12.19
O2A FAD D . -11.96 26.52 10.29
O5B FAD D . -9.74 26.28 11.50
C5B FAD D . -8.88 27.13 10.70
C4B FAD D . -7.94 27.85 11.68
O4B FAD D . -7.21 28.86 10.96
C3B FAD D . -8.60 28.58 12.89
O3B FAD D . -8.68 27.81 14.08
C2B FAD D . -7.78 29.86 13.04
O2B FAD D . -6.74 29.87 14.00
C1B FAD D . -7.30 30.14 11.62
N9A FAD D . -8.17 31.06 10.84
C8A FAD D . -9.51 30.96 10.53
N7A FAD D . -9.98 31.95 9.80
C5A FAD D . -8.87 32.75 9.57
C6A FAD D . -8.70 34.00 8.83
N6A FAD D . -9.73 34.59 8.18
N1A FAD D . -7.44 34.56 8.79
C2A FAD D . -6.41 33.94 9.46
N3A FAD D . -6.47 32.79 10.18
C4A FAD D . -7.77 32.23 10.18
N1 FAD D . -5.67 17.13 9.41
C2 FAD D . -4.57 16.84 10.19
O2 FAD D . -4.22 17.53 11.20
N3 FAD D . -3.78 15.68 9.85
C4 FAD D . -4.10 14.81 8.77
O4 FAD D . -3.34 13.86 8.48
C4X FAD D . -5.40 14.88 8.28
N5 FAD D . -5.65 14.32 6.96
C5X FAD D . -6.72 14.69 6.20
C6 FAD D . -7.23 13.80 5.18
C7 FAD D . -8.28 14.18 4.33
C7M FAD D . -8.78 13.17 3.28
C8 FAD D . -8.81 15.50 4.41
C8M FAD D . -9.95 15.97 3.52
C9 FAD D . -8.29 16.39 5.43
C9A FAD D . -7.23 16.01 6.27
N10 FAD D . -6.72 16.86 7.34
C10 FAD D . -5.85 16.32 8.33
C1' FAD D . -7.32 18.21 7.57
C2' FAD D . -8.43 18.40 8.64
O2' FAD D . -9.37 17.33 8.61
C3' FAD D . -9.07 19.79 8.42
O3' FAD D . -9.63 19.82 7.11
C4' FAD D . -8.05 20.95 8.56
O4' FAD D . -7.55 20.94 9.89
C5' FAD D . -8.63 22.34 8.23
O5' FAD D . -10.06 22.40 8.42
P FAD D . -10.74 22.84 9.78
O1P FAD D . -12.14 22.44 9.67
O2P FAD D . -9.96 22.29 10.92
O3P FAD D . -10.65 24.45 9.88
#